data_4L59
#
_entry.id   4L59
#
_cell.length_a   104.798
_cell.length_b   104.798
_cell.length_c   110.644
_cell.angle_alpha   90.000
_cell.angle_beta   90.000
_cell.angle_gamma   120.000
#
_symmetry.space_group_name_H-M   'P 31 2 1'
#
loop_
_entity.id
_entity.type
_entity.pdbx_description
1 polymer 'Lethal(3)malignant brain tumor-like protein 3'
2 non-polymer 4-(pyrrolidin-1-yl)-1-{4-[2-(pyrrolidin-1-yl)ethyl]phenyl}piperidine
3 non-polymer 'SULFATE ION'
4 non-polymer 'UNKNOWN ATOM OR ION'
5 water water
#
_entity_poly.entity_id   1
_entity_poly.type   'polypeptide(L)'
_entity_poly.pdbx_seq_one_letter_code
;GKKAWCWASYLEEEKAVAVPAKLFKEHQSFPYNKNGFKVGMKLEGVDPEHQSVYCVLTVAEVCGYRIKLHFDGYSDCYDF
WVNADALDIHPVGWCEKTGHKLHPPKGYKEEEFNWQTYLKTCKAQAAPKSLFENQNITVIPSGFRVGMKLEAVDKKNPSF
ICVATVTDMVDNRFLVHFDNWDESYDYWCEASSPHIHPVGWCKEHRRTLITPPGYPNVKHFSWDKYLEETNSLPAPARAF
KVKPPHGFQKKMKLEVVDKRNPMFIRVATVADTDDHRVKVHFDGWNNCYDYWIDADSPDIHPVGWCSKTGHPLQPPL
;
_entity_poly.pdbx_strand_id   A
#
# COMPACT_ATOMS: atom_id res chain seq x y z
N TRP A 5 -26.25 3.08 18.26
CA TRP A 5 -25.02 2.32 18.63
C TRP A 5 -23.90 3.33 18.95
N CYS A 6 -23.20 3.10 20.06
CA CYS A 6 -22.22 4.06 20.59
C CYS A 6 -20.93 3.36 21.10
N TRP A 7 -19.79 3.85 20.63
CA TRP A 7 -18.51 3.27 21.06
C TRP A 7 -18.31 3.35 22.58
N ALA A 8 -18.61 4.52 23.17
CA ALA A 8 -18.35 4.75 24.60
C ALA A 8 -19.07 3.70 25.43
N SER A 9 -20.37 3.59 25.18
CA SER A 9 -21.19 2.59 25.83
C SER A 9 -20.65 1.16 25.60
N TYR A 10 -20.47 0.79 24.33
CA TYR A 10 -19.92 -0.52 23.98
C TYR A 10 -18.63 -0.77 24.73
N LEU A 11 -17.71 0.19 24.72
CA LEU A 11 -16.46 -0.01 25.46
C LEU A 11 -16.70 -0.28 26.97
N GLU A 12 -17.66 0.45 27.60
CA GLU A 12 -18.03 0.21 29.02
C GLU A 12 -18.56 -1.22 29.18
N GLU A 13 -19.60 -1.55 28.41
CA GLU A 13 -20.18 -2.91 28.43
C GLU A 13 -19.14 -4.02 28.27
N GLU A 14 -18.15 -3.81 27.42
CA GLU A 14 -17.17 -4.85 27.15
C GLU A 14 -15.96 -4.73 28.07
N LYS A 15 -15.99 -3.73 28.94
CA LYS A 15 -14.88 -3.49 29.86
C LYS A 15 -13.56 -3.53 29.06
N ALA A 16 -13.51 -2.77 27.95
CA ALA A 16 -12.33 -2.76 27.07
C ALA A 16 -11.88 -1.35 26.73
N VAL A 17 -10.63 -1.21 26.33
CA VAL A 17 -10.15 0.08 25.85
C VAL A 17 -9.92 0.06 24.35
N ALA A 18 -10.08 1.25 23.77
CA ALA A 18 -9.71 1.54 22.40
C ALA A 18 -8.22 1.62 22.29
N VAL A 19 -7.69 1.19 21.15
CA VAL A 19 -6.30 1.39 20.86
C VAL A 19 -6.09 2.90 20.85
N PRO A 20 -5.07 3.38 21.58
CA PRO A 20 -4.89 4.84 21.64
C PRO A 20 -4.58 5.48 20.28
N ALA A 21 -5.35 6.50 19.93
CA ALA A 21 -5.12 7.23 18.69
C ALA A 21 -3.67 7.55 18.46
N LYS A 22 -2.95 7.88 19.52
CA LYS A 22 -1.55 8.27 19.38
C LYS A 22 -0.60 7.15 18.92
N LEU A 23 -1.05 5.90 19.00
CA LEU A 23 -0.22 4.80 18.48
C LEU A 23 -0.35 4.61 16.96
N PHE A 24 -1.36 5.23 16.35
CA PHE A 24 -1.61 5.17 14.91
C PHE A 24 -0.81 6.24 14.15
N LYS A 25 -0.25 5.87 13.00
CA LYS A 25 0.53 6.82 12.19
C LYS A 25 -0.46 7.78 11.49
N GLU A 26 0.06 8.85 10.90
CA GLU A 26 -0.79 9.98 10.46
C GLU A 26 -1.75 9.54 9.37
N HIS A 27 -1.29 8.63 8.52
CA HIS A 27 -2.14 8.09 7.45
C HIS A 27 -3.26 7.16 7.96
N GLN A 28 -3.17 6.71 9.22
CA GLN A 28 -4.25 5.92 9.83
C GLN A 28 -5.20 6.74 10.66
N SER A 29 -4.75 7.87 11.19
CA SER A 29 -5.56 8.58 12.20
C SER A 29 -6.56 9.55 11.56
N PHE A 30 -7.14 10.43 12.35
CA PHE A 30 -8.15 11.35 11.86
C PHE A 30 -7.48 12.22 10.84
N PRO A 31 -8.17 12.46 9.73
CA PRO A 31 -7.59 13.33 8.74
C PRO A 31 -7.88 14.76 9.15
N TYR A 32 -7.08 15.69 8.66
CA TYR A 32 -7.31 17.09 8.95
C TYR A 32 -7.75 17.78 7.67
N ASN A 33 -8.77 17.17 7.05
CA ASN A 33 -9.24 17.53 5.73
C ASN A 33 -10.51 16.83 5.40
N LYS A 34 -11.35 17.55 4.67
CA LYS A 34 -12.55 16.99 4.08
C LYS A 34 -12.12 16.24 2.79
N ASN A 35 -12.97 15.33 2.33
CA ASN A 35 -12.74 14.58 1.07
C ASN A 35 -13.25 15.42 -0.10
N GLY A 36 -12.38 16.06 -0.88
CA GLY A 36 -12.84 16.83 -2.05
C GLY A 36 -13.17 16.04 -3.33
N PHE A 37 -12.81 14.75 -3.39
CA PHE A 37 -13.03 13.95 -4.59
C PHE A 37 -14.51 13.83 -4.92
N LYS A 38 -14.81 13.87 -6.22
CA LYS A 38 -16.19 13.72 -6.69
C LYS A 38 -16.30 12.54 -7.69
N VAL A 39 -17.43 11.85 -7.68
CA VAL A 39 -17.67 10.81 -8.65
C VAL A 39 -17.51 11.37 -10.06
N GLY A 40 -16.72 10.70 -10.89
CA GLY A 40 -16.53 11.09 -12.27
C GLY A 40 -15.22 11.78 -12.56
N MET A 41 -14.56 12.27 -11.53
CA MET A 41 -13.25 12.88 -11.75
C MET A 41 -12.24 11.81 -12.16
N LYS A 42 -11.23 12.22 -12.89
CA LYS A 42 -10.26 11.29 -13.40
C LYS A 42 -8.88 11.65 -12.86
N LEU A 43 -8.03 10.64 -12.74
CA LEU A 43 -6.68 10.79 -12.22
C LEU A 43 -5.87 9.62 -12.68
N GLU A 44 -4.60 9.59 -12.28
CA GLU A 44 -3.67 8.53 -12.54
C GLU A 44 -3.44 7.79 -11.21
N GLY A 45 -3.02 6.54 -11.27
CA GLY A 45 -2.83 5.73 -10.06
C GLY A 45 -2.17 4.36 -10.29
N VAL A 46 -1.49 3.86 -9.25
CA VAL A 46 -0.85 2.57 -9.29
C VAL A 46 -1.91 1.45 -9.28
N ASP A 47 -1.70 0.42 -10.09
CA ASP A 47 -2.55 -0.78 -10.03
C ASP A 47 -2.11 -1.60 -8.83
N PRO A 48 -2.97 -1.76 -7.82
CA PRO A 48 -2.62 -2.59 -6.65
C PRO A 48 -2.14 -4.03 -6.92
N GLU A 49 -2.48 -4.62 -8.06
CA GLU A 49 -2.07 -5.99 -8.38
C GLU A 49 -0.90 -6.02 -9.36
N HIS A 50 -0.54 -4.84 -9.87
CA HIS A 50 0.57 -4.70 -10.81
C HIS A 50 1.26 -3.37 -10.52
N GLN A 51 1.98 -3.33 -9.40
CA GLN A 51 2.31 -2.07 -8.75
C GLN A 51 3.36 -1.21 -9.43
N SER A 52 4.03 -1.74 -10.44
CA SER A 52 4.87 -0.94 -11.32
C SER A 52 4.07 -0.15 -12.36
N VAL A 53 2.79 -0.47 -12.55
CA VAL A 53 2.01 0.10 -13.64
C VAL A 53 1.14 1.26 -13.15
N TYR A 54 1.28 2.41 -13.80
CA TYR A 54 0.37 3.52 -13.54
C TYR A 54 -0.77 3.49 -14.57
N CYS A 55 -1.98 3.69 -14.10
CA CYS A 55 -3.17 3.54 -14.89
C CYS A 55 -4.05 4.79 -14.89
N VAL A 56 -5.01 4.82 -15.81
CA VAL A 56 -6.00 5.86 -15.92
C VAL A 56 -7.19 5.43 -15.11
N LEU A 57 -7.64 6.29 -14.21
CA LEU A 57 -8.63 5.93 -13.22
C LEU A 57 -9.71 6.96 -13.14
N THR A 58 -10.89 6.53 -12.71
CA THR A 58 -12.03 7.41 -12.52
C THR A 58 -12.54 7.12 -11.13
N VAL A 59 -12.94 8.18 -10.42
CA VAL A 59 -13.56 8.04 -9.10
C VAL A 59 -14.95 7.52 -9.34
N ALA A 60 -15.26 6.34 -8.84
CA ALA A 60 -16.55 5.71 -9.07
C ALA A 60 -17.45 5.83 -7.87
N GLU A 61 -16.88 5.97 -6.68
CA GLU A 61 -17.69 6.16 -5.47
C GLU A 61 -16.91 6.95 -4.42
N VAL A 62 -17.67 7.66 -3.58
CA VAL A 62 -17.13 8.48 -2.52
C VAL A 62 -17.86 8.13 -1.24
N CYS A 63 -17.11 7.86 -0.18
CA CYS A 63 -17.70 7.49 1.11
C CYS A 63 -16.76 7.95 2.22
N GLY A 64 -17.22 8.93 2.99
CA GLY A 64 -16.38 9.52 4.00
C GLY A 64 -15.09 10.02 3.38
N TYR A 65 -13.97 9.60 3.98
CA TYR A 65 -12.65 10.01 3.54
C TYR A 65 -12.02 9.00 2.57
N ARG A 66 -12.86 8.17 1.96
CA ARG A 66 -12.38 7.14 1.06
C ARG A 66 -13.00 7.32 -0.31
N ILE A 67 -12.28 6.83 -1.32
CA ILE A 67 -12.77 6.78 -2.67
C ILE A 67 -12.57 5.41 -3.31
N LYS A 68 -13.49 5.06 -4.20
CA LYS A 68 -13.43 3.79 -4.89
C LYS A 68 -13.04 4.11 -6.30
N LEU A 69 -11.94 3.52 -6.74
CA LEU A 69 -11.40 3.86 -8.04
C LEU A 69 -11.71 2.78 -9.08
N HIS A 70 -11.91 3.24 -10.32
CA HIS A 70 -12.28 2.38 -11.45
C HIS A 70 -11.25 2.50 -12.56
N PHE A 71 -10.81 1.38 -13.11
CA PHE A 71 -9.82 1.42 -14.20
C PHE A 71 -10.59 1.60 -15.50
N ASP A 72 -10.49 2.77 -16.14
CA ASP A 72 -11.29 3.04 -17.37
C ASP A 72 -11.09 1.95 -18.40
N GLY A 73 -12.22 1.48 -18.93
CA GLY A 73 -12.28 0.46 -19.96
C GLY A 73 -12.26 -0.96 -19.42
N TYR A 74 -11.97 -1.15 -18.12
CA TYR A 74 -11.89 -2.49 -17.58
C TYR A 74 -13.13 -2.77 -16.79
N SER A 75 -13.33 -4.04 -16.46
CA SER A 75 -14.45 -4.47 -15.62
C SER A 75 -14.45 -3.80 -14.25
N ASP A 76 -15.65 -3.55 -13.73
CA ASP A 76 -15.88 -3.11 -12.36
C ASP A 76 -15.32 -4.07 -11.32
N CYS A 77 -15.06 -5.31 -11.70
CA CYS A 77 -14.54 -6.32 -10.77
C CYS A 77 -13.15 -5.85 -10.22
N TYR A 78 -12.46 -5.01 -10.97
CA TYR A 78 -11.15 -4.50 -10.56
C TYR A 78 -11.22 -3.24 -9.69
N ASP A 79 -12.42 -2.69 -9.44
CA ASP A 79 -12.56 -1.48 -8.63
C ASP A 79 -11.94 -1.64 -7.23
N PHE A 80 -11.26 -0.61 -6.75
CA PHE A 80 -10.59 -0.68 -5.45
C PHE A 80 -10.73 0.62 -4.62
N TRP A 81 -10.76 0.44 -3.31
CA TRP A 81 -10.92 1.54 -2.36
C TRP A 81 -9.61 2.00 -1.83
N VAL A 82 -9.36 3.30 -1.86
CA VAL A 82 -8.24 3.86 -1.11
C VAL A 82 -8.76 5.02 -0.25
N ASN A 83 -7.91 5.47 0.64
CA ASN A 83 -8.18 6.67 1.40
C ASN A 83 -7.86 7.89 0.55
N ALA A 84 -8.58 8.98 0.83
CA ALA A 84 -8.46 10.20 0.06
C ALA A 84 -7.06 10.83 0.06
N ASP A 85 -6.23 10.43 1.00
CA ASP A 85 -4.85 10.91 1.01
C ASP A 85 -3.84 9.85 0.55
N ALA A 86 -4.28 8.83 -0.21
CA ALA A 86 -3.38 7.72 -0.56
C ALA A 86 -2.20 8.26 -1.28
N LEU A 87 -1.08 7.58 -1.13
CA LEU A 87 0.13 8.10 -1.72
C LEU A 87 0.27 7.70 -3.18
N ASP A 88 -0.43 6.65 -3.59
CA ASP A 88 -0.23 6.06 -4.91
C ASP A 88 -1.29 6.49 -5.94
N ILE A 89 -1.98 7.57 -5.67
CA ILE A 89 -2.80 8.27 -6.65
C ILE A 89 -2.15 9.61 -6.96
N HIS A 90 -2.43 10.12 -8.14
CA HIS A 90 -1.72 11.26 -8.66
C HIS A 90 -2.63 11.99 -9.61
N PRO A 91 -2.42 13.29 -9.75
CA PRO A 91 -3.27 14.04 -10.61
C PRO A 91 -2.94 13.80 -12.08
N VAL A 92 -3.95 14.02 -12.91
CA VAL A 92 -3.77 14.04 -14.38
C VAL A 92 -2.51 14.80 -14.76
N GLY A 93 -1.59 14.15 -15.46
CA GLY A 93 -0.36 14.83 -15.96
C GLY A 93 0.88 14.46 -15.22
N TRP A 94 0.69 13.83 -14.06
CA TRP A 94 1.83 13.46 -13.21
C TRP A 94 2.83 12.56 -13.90
N CYS A 95 2.36 11.52 -14.60
CA CYS A 95 3.27 10.56 -15.25
C CYS A 95 4.17 11.29 -16.25
N GLU A 96 3.56 12.10 -17.10
CA GLU A 96 4.33 12.90 -18.06
C GLU A 96 5.31 13.87 -17.37
N LYS A 97 4.84 14.54 -16.31
CA LYS A 97 5.72 15.48 -15.59
C LYS A 97 6.86 14.73 -14.93
N THR A 98 6.62 13.52 -14.42
CA THR A 98 7.65 12.81 -13.67
C THR A 98 8.44 11.82 -14.47
N GLY A 99 8.19 11.71 -15.76
CA GLY A 99 8.92 10.73 -16.58
C GLY A 99 8.48 9.26 -16.46
N HIS A 100 7.26 9.02 -16.00
CA HIS A 100 6.74 7.67 -15.88
C HIS A 100 5.80 7.34 -17.04
N LYS A 101 5.69 6.05 -17.33
CA LYS A 101 4.85 5.52 -18.39
C LYS A 101 3.40 5.41 -17.87
N LEU A 102 2.43 5.91 -18.64
CA LEU A 102 1.04 5.81 -18.26
C LEU A 102 0.36 4.76 -19.12
N HIS A 103 -0.25 3.77 -18.49
CA HIS A 103 -0.96 2.74 -19.19
C HIS A 103 -2.31 3.31 -19.59
N PRO A 104 -2.65 3.25 -20.88
CA PRO A 104 -3.92 3.82 -21.33
C PRO A 104 -5.10 2.97 -20.96
N PRO A 105 -6.33 3.49 -21.10
CA PRO A 105 -7.52 2.71 -20.85
C PRO A 105 -7.59 1.48 -21.76
N LYS A 106 -8.26 0.42 -21.30
CA LYS A 106 -8.51 -0.77 -22.11
C LYS A 106 -9.11 -0.31 -23.43
N GLY A 107 -8.50 -0.74 -24.54
CA GLY A 107 -9.00 -0.40 -25.86
C GLY A 107 -8.29 0.75 -26.53
N TYR A 108 -7.38 1.43 -25.82
CA TYR A 108 -6.50 2.42 -26.44
C TYR A 108 -5.11 1.85 -26.51
N LYS A 109 -4.35 2.34 -27.46
CA LYS A 109 -2.91 2.14 -27.50
C LYS A 109 -2.31 3.48 -27.05
N GLU A 110 -1.05 3.49 -26.61
CA GLU A 110 -0.42 4.71 -26.07
C GLU A 110 -0.54 5.85 -27.04
N GLU A 111 -0.28 5.54 -28.30
CA GLU A 111 -0.25 6.57 -29.34
C GLU A 111 -1.62 7.13 -29.67
N GLU A 112 -2.68 6.50 -29.19
CA GLU A 112 -4.04 7.01 -29.38
C GLU A 112 -4.55 7.84 -28.19
N PHE A 113 -3.70 7.96 -27.16
CA PHE A 113 -4.11 8.50 -25.87
C PHE A 113 -3.30 9.73 -25.46
N ASN A 114 -4.03 10.77 -25.09
CA ASN A 114 -3.49 11.74 -24.17
C ASN A 114 -4.64 12.33 -23.40
N TRP A 115 -4.33 13.06 -22.35
CA TRP A 115 -5.37 13.48 -21.42
C TRP A 115 -6.31 14.52 -22.02
N GLN A 116 -5.74 15.50 -22.70
CA GLN A 116 -6.58 16.54 -23.27
C GLN A 116 -7.64 15.95 -24.23
N THR A 117 -7.21 15.08 -25.13
CA THR A 117 -8.18 14.44 -26.03
C THR A 117 -9.13 13.53 -25.28
N TYR A 118 -8.61 12.79 -24.31
CA TYR A 118 -9.43 11.79 -23.61
C TYR A 118 -10.52 12.42 -22.76
N LEU A 119 -10.20 13.54 -22.12
CA LEU A 119 -11.16 14.27 -21.29
C LEU A 119 -12.30 14.86 -22.13
N LYS A 120 -11.95 15.35 -23.32
CA LYS A 120 -12.96 15.82 -24.32
C LYS A 120 -13.82 14.62 -24.80
N THR A 121 -13.18 13.51 -25.16
CA THR A 121 -13.97 12.31 -25.51
C THR A 121 -14.94 11.90 -24.40
N CYS A 122 -14.48 11.90 -23.15
CA CYS A 122 -15.34 11.47 -22.04
C CYS A 122 -16.25 12.58 -21.47
N LYS A 123 -16.03 13.83 -21.86
CA LYS A 123 -16.79 14.98 -21.31
C LYS A 123 -16.64 14.97 -19.78
N ALA A 124 -15.39 15.05 -19.34
CA ALA A 124 -15.03 14.79 -17.96
C ALA A 124 -13.93 15.71 -17.51
N GLN A 125 -13.76 15.82 -16.19
CA GLN A 125 -12.71 16.65 -15.61
C GLN A 125 -11.72 15.90 -14.72
N ALA A 126 -10.49 16.35 -14.78
CA ALA A 126 -9.43 15.88 -13.95
C ALA A 126 -9.73 16.29 -12.51
N ALA A 127 -9.30 15.45 -11.58
CA ALA A 127 -9.38 15.79 -10.19
C ALA A 127 -8.35 16.88 -10.00
N PRO A 128 -8.74 18.01 -9.38
CA PRO A 128 -7.77 19.11 -9.24
C PRO A 128 -6.54 18.70 -8.50
N LYS A 129 -5.41 19.29 -8.88
CA LYS A 129 -4.13 19.05 -8.21
C LYS A 129 -4.25 19.27 -6.69
N SER A 130 -5.07 20.24 -6.27
CA SER A 130 -5.17 20.60 -4.84
C SER A 130 -5.62 19.42 -3.96
N LEU A 131 -6.27 18.40 -4.54
CA LEU A 131 -6.72 17.25 -3.75
C LEU A 131 -5.64 16.24 -3.38
N PHE A 132 -4.42 16.37 -3.90
CA PHE A 132 -3.40 15.33 -3.78
C PHE A 132 -2.24 15.71 -2.84
N GLU A 133 -1.52 14.67 -2.37
CA GLU A 133 -0.33 14.78 -1.49
C GLU A 133 0.93 14.19 -2.13
N VAL A 139 10.77 14.36 0.66
CA VAL A 139 10.75 14.87 2.02
C VAL A 139 11.90 14.13 2.76
N ILE A 140 11.59 13.23 3.70
CA ILE A 140 12.61 12.68 4.63
C ILE A 140 13.69 11.92 3.87
N PRO A 141 14.89 12.51 3.72
CA PRO A 141 15.89 11.98 2.77
C PRO A 141 16.42 10.61 3.17
N SER A 142 17.04 9.91 2.21
CA SER A 142 17.53 8.55 2.45
C SER A 142 18.49 8.15 1.36
N GLY A 143 19.17 7.03 1.57
CA GLY A 143 20.19 6.59 0.65
C GLY A 143 19.75 5.57 -0.37
N PHE A 144 18.44 5.37 -0.54
CA PHE A 144 17.94 4.47 -1.59
C PHE A 144 17.84 5.19 -2.93
N ARG A 145 18.37 4.56 -3.99
CA ARG A 145 18.24 5.09 -5.36
C ARG A 145 17.81 3.96 -6.33
N VAL A 146 17.03 4.36 -7.33
CA VAL A 146 16.65 3.48 -8.41
C VAL A 146 17.88 2.78 -8.94
N GLY A 147 17.79 1.48 -9.18
CA GLY A 147 18.94 0.71 -9.61
C GLY A 147 19.60 -0.08 -8.52
N MET A 148 19.49 0.35 -7.28
CA MET A 148 20.17 -0.37 -6.20
C MET A 148 19.53 -1.74 -5.95
N LYS A 149 20.37 -2.66 -5.50
CA LYS A 149 19.96 -4.02 -5.27
C LYS A 149 19.96 -4.34 -3.78
N LEU A 150 19.21 -5.36 -3.42
CA LEU A 150 18.94 -5.67 -2.02
C LEU A 150 18.31 -7.04 -1.94
N GLU A 151 17.93 -7.45 -0.73
CA GLU A 151 17.31 -8.74 -0.49
C GLU A 151 15.94 -8.45 0.10
N ALA A 152 14.90 -9.03 -0.48
CA ALA A 152 13.54 -8.69 -0.05
C ALA A 152 12.65 -9.90 0.02
N VAL A 153 11.68 -9.84 0.94
CA VAL A 153 10.71 -10.92 1.12
C VAL A 153 9.65 -10.82 0.02
N ASP A 154 9.39 -11.92 -0.68
CA ASP A 154 8.20 -12.01 -1.50
C ASP A 154 6.95 -11.96 -0.61
N LYS A 155 6.20 -10.87 -0.62
CA LYS A 155 5.06 -10.70 0.28
C LYS A 155 4.00 -11.74 0.05
N LYS A 156 3.92 -12.27 -1.16
CA LYS A 156 2.97 -13.36 -1.44
C LYS A 156 3.46 -14.74 -1.03
N ASN A 157 4.75 -14.87 -0.81
CA ASN A 157 5.35 -16.13 -0.41
C ASN A 157 6.47 -15.77 0.58
N PRO A 158 6.09 -15.38 1.80
CA PRO A 158 6.99 -14.69 2.72
C PRO A 158 8.10 -15.53 3.37
N SER A 159 8.17 -16.82 3.05
CA SER A 159 9.28 -17.64 3.49
C SER A 159 10.48 -17.45 2.56
N PHE A 160 10.24 -16.91 1.36
CA PHE A 160 11.29 -16.72 0.37
C PHE A 160 11.85 -15.31 0.37
N ILE A 161 13.18 -15.21 0.49
CA ILE A 161 13.87 -13.92 0.47
C ILE A 161 14.75 -13.92 -0.73
N CYS A 162 14.67 -12.85 -1.51
CA CYS A 162 15.17 -12.89 -2.87
C CYS A 162 15.90 -11.62 -3.30
N VAL A 163 16.67 -11.82 -4.35
CA VAL A 163 17.42 -10.79 -5.04
C VAL A 163 16.45 -9.82 -5.70
N ALA A 164 16.55 -8.57 -5.30
CA ALA A 164 15.63 -7.57 -5.75
C ALA A 164 16.34 -6.30 -6.12
N THR A 165 15.61 -5.43 -6.80
CA THR A 165 16.10 -4.17 -7.27
C THR A 165 15.08 -3.08 -7.01
N VAL A 166 15.57 -1.91 -6.63
CA VAL A 166 14.68 -0.76 -6.53
C VAL A 166 14.50 -0.27 -7.95
N THR A 167 13.27 -0.30 -8.46
CA THR A 167 13.04 0.06 -9.86
C THR A 167 12.26 1.34 -10.03
N ASP A 168 11.72 1.89 -8.96
CA ASP A 168 11.04 3.17 -9.08
C ASP A 168 11.08 3.84 -7.71
N MET A 169 10.82 5.14 -7.67
CA MET A 169 10.93 5.91 -6.44
C MET A 169 10.10 7.17 -6.55
N VAL A 170 9.25 7.40 -5.57
CA VAL A 170 8.40 8.56 -5.52
C VAL A 170 8.44 9.12 -4.09
N ASP A 171 9.13 10.25 -3.90
CA ASP A 171 9.29 10.81 -2.56
C ASP A 171 9.83 9.77 -1.60
N ASN A 172 9.07 9.38 -0.58
CA ASN A 172 9.57 8.43 0.44
C ASN A 172 9.32 6.96 0.18
N ARG A 173 8.56 6.65 -0.87
CA ARG A 173 8.28 5.26 -1.22
C ARG A 173 9.10 4.88 -2.42
N PHE A 174 9.47 3.62 -2.46
CA PHE A 174 10.10 3.08 -3.63
C PHE A 174 9.54 1.69 -3.93
N LEU A 175 9.86 1.21 -5.12
CA LEU A 175 9.30 -0.03 -5.63
C LEU A 175 10.31 -1.14 -5.69
N VAL A 176 9.97 -2.27 -5.09
CA VAL A 176 10.84 -3.42 -5.07
C VAL A 176 10.43 -4.35 -6.20
N HIS A 177 11.40 -4.77 -6.99
CA HIS A 177 11.15 -5.74 -8.05
C HIS A 177 12.11 -6.92 -7.91
N PHE A 178 11.61 -8.11 -8.18
CA PHE A 178 12.44 -9.31 -8.08
C PHE A 178 13.01 -9.64 -9.44
N ASP A 179 14.34 -9.60 -9.51
CA ASP A 179 15.06 -9.69 -10.77
C ASP A 179 14.67 -10.99 -11.44
N ASN A 180 14.29 -10.90 -12.71
CA ASN A 180 13.86 -12.06 -13.54
C ASN A 180 12.56 -12.74 -13.14
N TRP A 181 11.77 -12.08 -12.30
CA TRP A 181 10.47 -12.60 -11.91
C TRP A 181 9.40 -11.67 -12.46
N ASP A 182 8.21 -12.23 -12.66
CA ASP A 182 7.06 -11.48 -13.11
C ASP A 182 6.85 -10.19 -12.29
N GLU A 183 6.55 -9.10 -12.99
CA GLU A 183 6.16 -7.82 -12.41
C GLU A 183 5.08 -7.88 -11.33
N SER A 184 4.17 -8.85 -11.40
CA SER A 184 3.04 -8.89 -10.48
C SER A 184 3.51 -9.11 -9.05
N TYR A 185 4.76 -9.56 -8.86
CA TYR A 185 5.34 -9.68 -7.52
C TYR A 185 5.94 -8.38 -6.92
N ASP A 186 6.05 -7.32 -7.73
CA ASP A 186 6.50 -6.00 -7.28
C ASP A 186 5.65 -5.39 -6.19
N TYR A 187 6.26 -4.63 -5.29
CA TYR A 187 5.50 -3.86 -4.32
C TYR A 187 6.21 -2.61 -3.88
N TRP A 188 5.43 -1.61 -3.51
CA TRP A 188 5.96 -0.38 -2.96
C TRP A 188 6.25 -0.56 -1.49
N CYS A 189 7.29 0.10 -0.99
CA CYS A 189 7.52 0.17 0.43
C CYS A 189 8.43 1.36 0.74
N GLU A 190 8.82 1.47 2.00
CA GLU A 190 9.59 2.60 2.53
C GLU A 190 10.86 2.03 3.12
N ALA A 191 11.76 2.91 3.55
CA ALA A 191 13.08 2.55 4.07
C ALA A 191 13.07 1.69 5.35
N SER A 192 12.03 1.83 6.16
CA SER A 192 11.84 1.05 7.38
C SER A 192 11.12 -0.29 7.23
N SER A 193 10.84 -0.73 6.00
CA SER A 193 10.02 -1.93 5.83
C SER A 193 10.70 -3.14 6.46
N PRO A 194 9.97 -3.92 7.24
CA PRO A 194 10.58 -5.15 7.72
C PRO A 194 10.82 -6.20 6.67
N HIS A 195 10.38 -5.96 5.43
CA HIS A 195 10.55 -6.94 4.34
C HIS A 195 11.83 -6.79 3.51
N ILE A 196 12.59 -5.71 3.76
CA ILE A 196 13.79 -5.48 2.96
C ILE A 196 15.03 -5.54 3.83
N HIS A 197 16.09 -6.03 3.20
CA HIS A 197 17.34 -6.27 3.86
C HIS A 197 18.51 -5.92 2.95
N PRO A 198 19.58 -5.37 3.55
CA PRO A 198 20.77 -5.03 2.75
C PRO A 198 21.40 -6.30 2.27
N VAL A 199 22.09 -6.21 1.16
CA VAL A 199 22.85 -7.35 0.60
C VAL A 199 23.69 -8.09 1.65
N GLY A 200 23.68 -9.42 1.56
CA GLY A 200 24.37 -10.28 2.52
C GLY A 200 23.79 -10.26 3.92
N TRP A 201 22.49 -10.01 4.03
CA TRP A 201 21.79 -10.16 5.30
C TRP A 201 21.43 -11.62 5.45
N CYS A 202 21.21 -12.29 4.33
CA CYS A 202 20.85 -13.70 4.38
C CYS A 202 22.04 -14.53 4.84
N LYS A 203 23.24 -14.16 4.36
CA LYS A 203 24.51 -14.76 4.83
C LYS A 203 24.59 -14.59 6.34
N GLU A 204 24.67 -13.34 6.78
CA GLU A 204 24.75 -13.05 8.21
C GLU A 204 23.64 -13.70 9.08
N HIS A 205 22.57 -14.24 8.50
CA HIS A 205 21.51 -14.90 9.30
C HIS A 205 21.22 -16.35 8.92
N ARG A 206 22.10 -16.95 8.13
CA ARG A 206 21.99 -18.37 7.84
C ARG A 206 20.68 -18.70 7.12
N ARG A 207 20.26 -17.78 6.25
CA ARG A 207 19.02 -17.93 5.48
C ARG A 207 19.36 -18.18 4.02
N THR A 208 18.48 -18.89 3.31
CA THR A 208 18.64 -19.12 1.87
C THR A 208 18.21 -17.91 1.03
N LEU A 209 19.12 -17.35 0.23
CA LEU A 209 18.76 -16.30 -0.71
C LEU A 209 18.29 -16.96 -1.99
N ILE A 210 17.10 -16.59 -2.43
CA ILE A 210 16.61 -17.06 -3.71
C ILE A 210 17.25 -16.21 -4.78
N THR A 211 17.77 -16.89 -5.81
CA THR A 211 18.52 -16.23 -6.87
C THR A 211 17.67 -16.09 -8.15
N PRO A 212 18.08 -15.21 -9.04
CA PRO A 212 17.18 -14.94 -10.14
C PRO A 212 17.06 -16.14 -11.06
N PRO A 213 15.84 -16.46 -11.49
CA PRO A 213 15.63 -17.50 -12.47
C PRO A 213 16.55 -17.34 -13.68
N GLY A 214 17.09 -18.47 -14.14
CA GLY A 214 17.91 -18.49 -15.35
C GLY A 214 19.27 -17.83 -15.21
N TYR A 215 19.83 -17.84 -14.01
CA TYR A 215 21.13 -17.22 -13.80
C TYR A 215 22.21 -18.24 -14.09
N ASN A 217 24.83 -19.38 -12.50
CA ASN A 217 25.78 -19.59 -11.40
C ASN A 217 25.10 -19.60 -10.03
N VAL A 218 23.97 -20.29 -9.95
CA VAL A 218 23.26 -20.52 -8.68
C VAL A 218 24.09 -21.43 -7.73
N LYS A 219 24.86 -22.36 -8.32
CA LYS A 219 25.69 -23.33 -7.57
C LYS A 219 26.65 -22.72 -6.54
N HIS A 220 27.05 -21.45 -6.76
CA HIS A 220 27.77 -20.67 -5.75
C HIS A 220 27.62 -19.17 -6.06
N PHE A 221 26.38 -18.65 -5.97
CA PHE A 221 26.05 -17.25 -6.30
C PHE A 221 26.81 -16.22 -5.45
N SER A 222 27.25 -15.13 -6.09
CA SER A 222 28.00 -14.08 -5.41
C SER A 222 27.43 -12.70 -5.68
N TRP A 223 27.14 -11.96 -4.62
CA TRP A 223 26.63 -10.60 -4.75
C TRP A 223 27.62 -9.70 -5.51
N ASP A 224 28.91 -9.88 -5.23
CA ASP A 224 29.97 -9.06 -5.82
C ASP A 224 30.04 -9.23 -7.32
N LYS A 225 30.10 -10.48 -7.77
CA LYS A 225 30.10 -10.78 -9.20
C LYS A 225 28.83 -10.22 -9.85
N TYR A 226 27.68 -10.47 -9.20
CA TYR A 226 26.36 -10.08 -9.75
C TYR A 226 26.24 -8.58 -9.92
N LEU A 227 26.62 -7.83 -8.89
CA LEU A 227 26.60 -6.37 -8.95
C LEU A 227 27.48 -5.80 -10.06
N GLU A 228 28.63 -6.45 -10.35
CA GLU A 228 29.50 -6.02 -11.47
C GLU A 228 28.88 -6.40 -12.80
N GLU A 229 28.39 -7.65 -12.91
CA GLU A 229 27.72 -8.11 -14.12
C GLU A 229 26.49 -7.30 -14.50
N THR A 230 25.86 -6.65 -13.51
CA THR A 230 24.69 -5.80 -13.76
C THR A 230 25.04 -4.32 -13.68
N ASN A 231 26.32 -4.02 -13.45
CA ASN A 231 26.81 -2.65 -13.24
C ASN A 231 25.86 -1.89 -12.34
N SER A 232 25.65 -2.43 -11.14
CA SER A 232 24.70 -1.89 -10.17
C SER A 232 25.31 -1.76 -8.80
N LEU A 233 24.87 -0.74 -8.08
CA LEU A 233 25.25 -0.53 -6.70
C LEU A 233 24.29 -1.28 -5.77
N PRO A 234 24.76 -1.66 -4.59
CA PRO A 234 23.89 -2.15 -3.54
C PRO A 234 23.34 -1.00 -2.75
N ALA A 235 22.15 -1.18 -2.19
CA ALA A 235 21.64 -0.20 -1.24
C ALA A 235 22.54 -0.24 -0.01
N PRO A 236 22.91 0.93 0.51
CA PRO A 236 23.79 0.96 1.66
C PRO A 236 23.04 0.61 2.96
N ALA A 237 23.69 -0.15 3.81
CA ALA A 237 23.09 -0.61 5.07
C ALA A 237 22.54 0.54 5.90
N ARG A 238 23.22 1.68 5.84
CA ARG A 238 22.80 2.87 6.58
C ARG A 238 21.38 3.39 6.18
N ALA A 239 20.95 3.15 4.94
CA ALA A 239 19.61 3.60 4.51
C ALA A 239 18.47 2.73 5.10
N PHE A 240 18.77 1.47 5.41
CA PHE A 240 17.80 0.53 6.01
C PHE A 240 17.44 0.89 7.44
N LYS A 241 16.42 1.71 7.61
CA LYS A 241 16.01 2.17 8.93
C LYS A 241 15.16 1.09 9.62
N VAL A 242 14.89 1.31 10.90
CA VAL A 242 14.33 0.26 11.74
C VAL A 242 12.95 0.65 12.18
N LYS A 243 12.05 -0.29 12.02
CA LYS A 243 10.65 -0.07 12.33
C LYS A 243 10.49 -0.22 13.84
N PRO A 244 10.15 0.88 14.54
CA PRO A 244 9.84 0.73 15.95
C PRO A 244 8.55 -0.06 16.15
N PRO A 245 8.49 -0.92 17.18
CA PRO A 245 7.29 -1.74 17.33
C PRO A 245 6.06 -0.87 17.58
N HIS A 246 4.91 -1.36 17.16
CA HIS A 246 3.64 -0.68 17.37
C HIS A 246 3.25 -1.02 18.80
N GLY A 247 2.35 -0.26 19.39
CA GLY A 247 2.03 -0.57 20.79
C GLY A 247 0.71 -1.27 20.98
N PHE A 248 0.18 -1.87 19.92
CA PHE A 248 -1.17 -2.38 19.97
C PHE A 248 -1.17 -3.61 20.89
N GLN A 249 -2.19 -3.75 21.72
CA GLN A 249 -2.30 -4.84 22.66
C GLN A 249 -3.58 -5.60 22.43
N LYS A 250 -3.52 -6.90 22.67
CA LYS A 250 -4.69 -7.74 22.64
C LYS A 250 -5.85 -7.15 23.40
N LYS A 251 -7.03 -7.29 22.81
CA LYS A 251 -8.32 -6.94 23.42
C LYS A 251 -8.67 -5.45 23.25
N MET A 252 -7.69 -4.64 22.85
CA MET A 252 -7.99 -3.25 22.48
C MET A 252 -8.88 -3.23 21.21
N LYS A 253 -9.73 -2.22 21.09
CA LYS A 253 -10.73 -2.16 20.04
C LYS A 253 -10.32 -1.12 19.02
N LEU A 254 -10.77 -1.30 17.78
CA LEU A 254 -10.48 -0.34 16.72
C LEU A 254 -11.48 -0.48 15.55
N GLU A 255 -11.28 0.35 14.52
CA GLU A 255 -12.12 0.29 13.30
C GLU A 255 -11.29 -0.27 12.14
N VAL A 256 -11.81 -1.33 11.49
CA VAL A 256 -11.05 -2.00 10.42
C VAL A 256 -11.84 -2.19 9.12
N VAL A 257 -11.19 -1.83 8.02
CA VAL A 257 -11.73 -2.11 6.70
C VAL A 257 -11.82 -3.62 6.53
N ASP A 258 -13.01 -4.12 6.19
CA ASP A 258 -13.20 -5.54 5.92
C ASP A 258 -12.58 -5.93 4.57
N LYS A 259 -11.40 -6.54 4.62
CA LYS A 259 -10.63 -7.05 3.48
C LYS A 259 -11.49 -7.80 2.45
N ARG A 260 -12.45 -8.55 2.96
CA ARG A 260 -13.28 -9.43 2.17
C ARG A 260 -14.49 -8.73 1.56
N ASN A 261 -14.79 -7.53 2.03
CA ASN A 261 -15.75 -6.67 1.39
C ASN A 261 -15.49 -5.21 1.77
N PRO A 262 -14.51 -4.60 1.11
CA PRO A 262 -13.86 -3.40 1.60
C PRO A 262 -14.68 -2.13 1.62
N MET A 263 -15.92 -2.17 1.13
CA MET A 263 -16.81 -1.03 1.33
C MET A 263 -17.13 -0.84 2.82
N PHE A 264 -17.19 -1.94 3.56
CA PHE A 264 -17.51 -1.89 4.98
C PHE A 264 -16.28 -1.65 5.82
N ILE A 265 -16.46 -0.85 6.87
CA ILE A 265 -15.53 -0.78 8.00
C ILE A 265 -16.28 -1.31 9.22
N ARG A 266 -15.59 -2.13 10.03
CA ARG A 266 -16.23 -2.85 11.12
C ARG A 266 -15.62 -2.58 12.49
N VAL A 267 -16.47 -2.73 13.51
CA VAL A 267 -16.01 -2.80 14.89
C VAL A 267 -15.07 -3.99 15.02
N ALA A 268 -13.87 -3.74 15.52
CA ALA A 268 -12.86 -4.79 15.60
C ALA A 268 -12.08 -4.79 16.89
N THR A 269 -11.43 -5.92 17.11
CA THR A 269 -10.66 -6.19 18.29
C THR A 269 -9.32 -6.75 17.86
N VAL A 270 -8.26 -6.37 18.57
CA VAL A 270 -6.96 -6.96 18.35
C VAL A 270 -6.96 -8.33 18.99
N ALA A 271 -6.94 -9.38 18.18
CA ALA A 271 -6.93 -10.77 18.72
C ALA A 271 -5.52 -11.27 19.05
N ASP A 272 -4.52 -10.83 18.31
CA ASP A 272 -3.15 -11.30 18.55
C ASP A 272 -2.21 -10.26 17.99
N THR A 273 -0.91 -10.39 18.29
CA THR A 273 0.08 -9.45 17.78
C THR A 273 1.40 -10.14 17.50
N ASP A 274 2.23 -9.46 16.73
CA ASP A 274 3.66 -9.78 16.64
C ASP A 274 4.38 -8.46 16.36
N ASP A 275 5.65 -8.50 16.01
CA ASP A 275 6.44 -7.27 15.97
C ASP A 275 5.79 -6.16 15.12
N HIS A 276 5.33 -6.53 13.93
CA HIS A 276 4.83 -5.54 12.97
C HIS A 276 3.40 -5.73 12.51
N ARG A 277 2.69 -6.69 13.09
CA ARG A 277 1.34 -6.99 12.65
C ARG A 277 0.40 -7.14 13.82
N VAL A 278 -0.88 -6.99 13.52
CA VAL A 278 -1.93 -7.35 14.41
C VAL A 278 -2.88 -8.29 13.73
N LYS A 279 -3.41 -9.21 14.51
CA LYS A 279 -4.50 -10.04 14.07
C LYS A 279 -5.82 -9.43 14.48
N VAL A 280 -6.60 -9.05 13.48
CA VAL A 280 -7.86 -8.38 13.73
C VAL A 280 -8.97 -9.38 13.77
N HIS A 281 -9.99 -9.05 14.54
CA HIS A 281 -11.15 -9.87 14.75
C HIS A 281 -12.36 -8.97 14.72
N PHE A 282 -13.36 -9.34 13.93
CA PHE A 282 -14.57 -8.55 13.80
C PHE A 282 -15.52 -9.02 14.86
N ASP A 283 -15.87 -8.12 15.76
CA ASP A 283 -16.69 -8.48 16.88
C ASP A 283 -17.99 -9.06 16.37
N GLY A 284 -18.45 -10.13 17.00
CA GLY A 284 -19.72 -10.77 16.65
C GLY A 284 -19.56 -11.90 15.65
N TRP A 285 -18.43 -11.91 14.95
CA TRP A 285 -18.16 -12.90 13.94
C TRP A 285 -17.31 -14.02 14.49
N ASN A 286 -17.47 -15.19 13.89
CA ASN A 286 -16.61 -16.32 14.16
C ASN A 286 -15.12 -15.98 13.99
N ASN A 287 -14.30 -16.60 14.84
CA ASN A 287 -12.84 -16.41 14.84
C ASN A 287 -12.15 -16.84 13.56
N CYS A 288 -12.80 -17.70 12.78
CA CYS A 288 -12.21 -18.17 11.50
C CYS A 288 -12.12 -17.05 10.46
N TYR A 289 -12.85 -15.96 10.69
CA TYR A 289 -12.69 -14.72 9.90
C TYR A 289 -11.50 -13.84 10.28
N ASP A 290 -10.83 -14.11 11.41
CA ASP A 290 -9.75 -13.24 11.86
C ASP A 290 -8.61 -13.33 10.87
N TYR A 291 -7.84 -12.26 10.71
CA TYR A 291 -6.67 -12.31 9.84
C TYR A 291 -5.59 -11.33 10.23
N TRP A 292 -4.37 -11.60 9.78
CA TRP A 292 -3.22 -10.73 10.09
C TRP A 292 -3.17 -9.52 9.16
N ILE A 293 -2.66 -8.39 9.65
CA ILE A 293 -2.48 -7.19 8.85
C ILE A 293 -1.36 -6.33 9.44
N ASP A 294 -0.58 -5.66 8.60
CA ASP A 294 0.50 -4.81 9.12
C ASP A 294 -0.11 -3.76 10.00
N ALA A 295 0.51 -3.52 11.14
CA ALA A 295 0.00 -2.57 12.11
C ALA A 295 0.04 -1.15 11.58
N ASP A 296 0.85 -0.88 10.56
CA ASP A 296 0.82 0.43 9.93
C ASP A 296 -0.13 0.53 8.70
N SER A 297 -0.98 -0.45 8.48
CA SER A 297 -1.85 -0.39 7.30
C SER A 297 -2.76 0.81 7.33
N PRO A 298 -2.96 1.48 6.18
CA PRO A 298 -3.95 2.57 6.11
C PRO A 298 -5.38 2.10 6.23
N ASP A 299 -5.60 0.81 6.42
CA ASP A 299 -6.95 0.31 6.51
C ASP A 299 -7.41 -0.03 7.94
N ILE A 300 -6.59 0.30 8.93
CA ILE A 300 -7.00 0.19 10.32
C ILE A 300 -6.98 1.57 10.99
N HIS A 301 -7.95 1.80 11.85
CA HIS A 301 -8.18 3.14 12.32
C HIS A 301 -8.57 3.22 13.79
N PRO A 302 -8.29 4.38 14.40
CA PRO A 302 -8.75 4.63 15.76
C PRO A 302 -10.24 4.73 15.85
N VAL A 303 -10.74 4.26 16.97
CA VAL A 303 -12.14 4.40 17.32
C VAL A 303 -12.62 5.82 17.03
N GLY A 304 -13.79 5.94 16.41
CA GLY A 304 -14.33 7.25 16.08
C GLY A 304 -13.96 7.75 14.69
N TRP A 305 -13.10 7.01 13.97
CA TRP A 305 -12.65 7.46 12.62
C TRP A 305 -13.84 7.57 11.64
N CYS A 306 -14.71 6.57 11.64
CA CYS A 306 -15.89 6.60 10.79
C CYS A 306 -16.81 7.79 11.09
N SER A 307 -17.14 8.00 12.38
CA SER A 307 -18.01 9.13 12.77
C SER A 307 -17.36 10.46 12.35
N LYS A 308 -16.08 10.63 12.60
CA LYS A 308 -15.40 11.88 12.27
C LYS A 308 -15.36 12.17 10.77
N THR A 309 -15.34 11.12 9.94
CA THR A 309 -15.08 11.27 8.51
C THR A 309 -16.33 11.17 7.67
N GLY A 310 -17.44 10.71 8.26
CA GLY A 310 -18.68 10.59 7.51
C GLY A 310 -18.91 9.19 6.97
N HIS A 311 -18.11 8.22 7.40
CA HIS A 311 -18.22 6.87 6.85
C HIS A 311 -19.12 6.00 7.74
N PRO A 312 -20.01 5.17 7.17
CA PRO A 312 -20.77 4.28 8.04
C PRO A 312 -19.87 3.27 8.72
N LEU A 313 -20.27 2.86 9.93
CA LEU A 313 -19.54 1.88 10.71
C LEU A 313 -20.44 0.68 10.96
N GLN A 314 -19.98 -0.52 10.63
CA GLN A 314 -20.78 -1.70 10.91
C GLN A 314 -20.62 -2.10 12.37
N PRO A 315 -21.75 -2.16 13.11
CA PRO A 315 -21.69 -2.67 14.46
C PRO A 315 -21.37 -4.18 14.46
N PRO A 316 -21.14 -4.77 15.66
CA PRO A 316 -20.95 -6.23 15.81
C PRO A 316 -22.15 -6.98 15.30
N LEU A 317 -21.94 -8.18 14.76
CA LEU A 317 -23.00 -8.98 14.14
C LEU A 317 -24.03 -9.48 15.15
#